data_8K4F
#
_entry.id   8K4F
#
_cell.length_a   91.261
_cell.length_b   91.261
_cell.length_c   123.005
_cell.angle_alpha   90.00
_cell.angle_beta   90.00
_cell.angle_gamma   120.00
#
_symmetry.space_group_name_H-M   'P 32 2 1'
#
loop_
_entity.id
_entity.type
_entity.pdbx_description
1 polymer 'Dihydroorotate dehydrogenase (quinone), mitochondrial'
2 non-polymer 'SULFATE ION'
3 non-polymer 'TETRAETHYLENE GLYCOL'
4 non-polymer 'FLAVIN MONONUCLEOTIDE'
5 non-polymer 6-[bis(oxidanyl)methyl]-5~{H}-pyrimidine-2,4-dione
6 non-polymer 'ACETATE ION'
7 non-polymer 'CHLORIDE ION'
8 non-polymer 5-cyclopropyl-2-[1-[(2-fluorophenyl)methyl]pyrazolo[3,4-b]pyridin-3-yl]pyrimidin-4-amine
9 water water
#
_entity_poly.entity_id   1
_entity_poly.type   'polypeptide(L)'
_entity_poly.pdbx_seq_one_letter_code
;SATGDERFYAEHLMPTLQGLLDPESAHRLAVRFTSLGLLPRARFQDSDMLEVRVLGHKFRNPVGIAAGFDKHGEAVDGLY
KMGFGFVEIGSVTPKPQEGNPRPRVFRLPEDQAVINRYGFNSHGLSVVEHRLRARQQKQAKLTEDGLPLGVNLGKNKTSV
DAAEDYAEGVRVLGPLADYLVVNVSSPNTAGLRSLQGKAELRRLLTKVLQERDGLRRVHRPAVLVKIAPDLTSQDKEDIA
SVVKELGIDGLIVTNTTVSRPAGLQGALRSETGGLSGKPLRDLSTQTIREMYALTQGRVPIIGVGGVSSGQDALEKIRAG
ASLVQLYTALTFWGPPVVGKVKRELEALLKEQGFGGVTDAIGADHRR
;
_entity_poly.pdbx_strand_id   A
#
loop_
_chem_comp.id
_chem_comp.type
_chem_comp.name
_chem_comp.formula
ACT non-polymer 'ACETATE ION' 'C2 H3 O2 -1'
CL non-polymer 'CHLORIDE ION' 'Cl -1'
FJW non-polymer 5-cyclopropyl-2-[1-[(2-fluorophenyl)methyl]pyrazolo[3,4-b]pyridin-3-yl]pyrimidin-4-amine 'C20 H17 F N6'
FMN non-polymer 'FLAVIN MONONUCLEOTIDE' 'C17 H21 N4 O9 P'
OG6 non-polymer 6-[bis(oxidanyl)methyl]-5~{H}-pyrimidine-2,4-dione 'C5 H6 N2 O4'
PG4 non-polymer 'TETRAETHYLENE GLYCOL' 'C8 H18 O5'
SO4 non-polymer 'SULFATE ION' 'O4 S -2'
#
# COMPACT_ATOMS: atom_id res chain seq x y z
N THR A 3 -7.78 -24.43 -2.06
CA THR A 3 -7.18 -24.82 -3.36
C THR A 3 -5.90 -25.61 -3.10
N GLY A 4 -5.49 -26.41 -4.10
CA GLY A 4 -4.24 -27.14 -4.04
C GLY A 4 -3.03 -26.24 -4.29
N ASP A 5 -3.26 -25.13 -5.02
CA ASP A 5 -2.21 -24.20 -5.37
C ASP A 5 -1.74 -23.45 -4.12
N GLU A 6 -2.69 -22.96 -3.31
CA GLU A 6 -2.37 -22.31 -2.05
C GLU A 6 -1.43 -23.20 -1.24
N ARG A 7 -1.75 -24.50 -1.21
CA ARG A 7 -1.01 -25.48 -0.42
C ARG A 7 0.32 -25.80 -1.08
N PHE A 8 0.34 -25.85 -2.42
CA PHE A 8 1.57 -26.13 -3.17
C PHE A 8 2.58 -25.02 -2.95
N TYR A 9 2.13 -23.76 -3.08
CA TYR A 9 3.01 -22.61 -2.91
C TYR A 9 3.53 -22.52 -1.48
N ALA A 10 2.61 -22.64 -0.51
CA ALA A 10 2.94 -22.44 0.90
C ALA A 10 3.87 -23.55 1.41
N GLU A 11 3.67 -24.78 0.93
CA GLU A 11 4.36 -25.95 1.48
C GLU A 11 5.66 -26.22 0.72
N HIS A 12 5.67 -26.06 -0.61
CA HIS A 12 6.75 -26.59 -1.43
C HIS A 12 7.53 -25.45 -2.10
N LEU A 13 6.85 -24.69 -2.97
CA LEU A 13 7.53 -23.77 -3.88
C LEU A 13 8.18 -22.63 -3.09
N MET A 14 7.41 -21.98 -2.21
CA MET A 14 7.85 -20.75 -1.57
C MET A 14 9.01 -21.04 -0.60
N PRO A 15 8.94 -22.08 0.26
CA PRO A 15 10.11 -22.49 1.04
C PRO A 15 11.37 -22.69 0.21
N THR A 16 11.22 -23.26 -0.99
CA THR A 16 12.36 -23.58 -1.84
C THR A 16 12.96 -22.30 -2.40
N LEU A 17 12.15 -21.48 -3.10
CA LEU A 17 12.64 -20.31 -3.81
C LEU A 17 13.30 -19.32 -2.85
N GLN A 18 12.60 -19.03 -1.74
CA GLN A 18 13.10 -18.06 -0.77
C GLN A 18 14.38 -18.57 -0.12
N GLY A 19 14.56 -19.90 -0.09
CA GLY A 19 15.78 -20.51 0.42
C GLY A 19 16.98 -20.31 -0.52
N LEU A 20 16.74 -20.42 -1.83
CA LEU A 20 17.80 -20.40 -2.82
C LEU A 20 18.21 -18.97 -3.17
N LEU A 21 17.27 -18.02 -3.03
CA LEU A 21 17.50 -16.64 -3.43
C LEU A 21 17.41 -15.72 -2.22
N ASP A 22 18.23 -14.67 -2.22
CA ASP A 22 18.11 -13.60 -1.23
C ASP A 22 16.86 -12.78 -1.53
N PRO A 23 16.21 -12.17 -0.51
CA PRO A 23 14.92 -11.51 -0.70
C PRO A 23 14.87 -10.58 -1.91
N GLU A 24 15.94 -9.81 -2.13
CA GLU A 24 15.92 -8.81 -3.19
C GLU A 24 15.98 -9.50 -4.56
N SER A 25 16.77 -10.57 -4.68
CA SER A 25 16.76 -11.38 -5.87
C SER A 25 15.36 -11.93 -6.15
N ALA A 26 14.73 -12.47 -5.10
CA ALA A 26 13.37 -12.98 -5.21
C ALA A 26 12.45 -11.88 -5.72
N HIS A 27 12.55 -10.70 -5.12
CA HIS A 27 11.72 -9.56 -5.48
C HIS A 27 11.82 -9.29 -6.97
N ARG A 28 13.06 -9.12 -7.45
CA ARG A 28 13.33 -8.80 -8.85
C ARG A 28 12.76 -9.87 -9.78
N LEU A 29 12.91 -11.14 -9.40
N LEU A 29 12.91 -11.14 -9.41
CA LEU A 29 12.40 -12.25 -10.19
CA LEU A 29 12.39 -12.24 -10.22
C LEU A 29 10.87 -12.23 -10.19
C LEU A 29 10.86 -12.24 -10.19
N ALA A 30 10.28 -11.98 -9.01
CA ALA A 30 8.84 -11.91 -8.86
C ALA A 30 8.29 -10.80 -9.77
N VAL A 31 8.94 -9.64 -9.79
CA VAL A 31 8.48 -8.53 -10.62
C VAL A 31 8.56 -8.94 -12.09
N ARG A 32 9.65 -9.61 -12.47
CA ARG A 32 9.87 -10.03 -13.84
C ARG A 32 8.79 -11.02 -14.28
N PHE A 33 8.55 -12.05 -13.46
CA PHE A 33 7.54 -13.05 -13.77
C PHE A 33 6.16 -12.41 -13.89
N THR A 34 5.85 -11.49 -12.97
CA THR A 34 4.55 -10.84 -12.96
C THR A 34 4.38 -10.02 -14.23
N SER A 35 5.41 -9.24 -14.59
CA SER A 35 5.33 -8.33 -15.72
C SER A 35 5.21 -9.10 -17.04
N LEU A 36 5.83 -10.28 -17.11
CA LEU A 36 5.73 -11.14 -18.28
C LEU A 36 4.41 -11.93 -18.28
N GLY A 37 3.63 -11.82 -17.21
CA GLY A 37 2.35 -12.51 -17.12
C GLY A 37 2.50 -14.04 -17.04
N LEU A 38 3.69 -14.51 -16.63
CA LEU A 38 4.01 -15.92 -16.64
C LEU A 38 3.14 -16.68 -15.64
N LEU A 39 2.84 -16.05 -14.50
CA LEU A 39 2.02 -16.66 -13.46
C LEU A 39 0.59 -16.84 -13.99
N PRO A 40 -0.06 -18.01 -13.74
CA PRO A 40 -1.43 -18.24 -14.19
C PRO A 40 -2.44 -17.23 -13.66
N ARG A 41 -3.51 -17.00 -14.44
CA ARG A 41 -4.54 -16.04 -14.11
C ARG A 41 -5.35 -16.53 -12.92
N ALA A 42 -5.53 -15.64 -11.93
CA ALA A 42 -6.27 -15.96 -10.72
C ALA A 42 -7.68 -16.46 -11.07
N ARG A 43 -8.12 -17.50 -10.37
CA ARG A 43 -9.34 -18.20 -10.68
C ARG A 43 -10.55 -17.54 -10.02
N PHE A 44 -10.33 -16.90 -8.86
CA PHE A 44 -11.41 -16.43 -8.02
C PHE A 44 -12.29 -15.43 -8.79
N GLN A 45 -13.58 -15.78 -8.91
CA GLN A 45 -14.60 -14.88 -9.42
C GLN A 45 -15.01 -13.88 -8.34
N ASP A 46 -14.77 -12.59 -8.59
CA ASP A 46 -15.08 -11.55 -7.63
C ASP A 46 -16.60 -11.40 -7.51
N SER A 47 -17.13 -11.57 -6.30
CA SER A 47 -18.55 -11.43 -6.05
C SER A 47 -18.90 -9.96 -5.81
N ASP A 48 -20.20 -9.65 -5.89
CA ASP A 48 -20.70 -8.30 -5.73
C ASP A 48 -20.54 -7.81 -4.29
N MET A 49 -20.47 -8.75 -3.35
CA MET A 49 -20.29 -8.43 -1.94
C MET A 49 -18.98 -7.66 -1.71
N LEU A 50 -17.98 -7.93 -2.55
CA LEU A 50 -16.64 -7.40 -2.34
C LEU A 50 -16.45 -6.04 -3.00
N GLU A 51 -17.45 -5.58 -3.77
CA GLU A 51 -17.34 -4.30 -4.45
C GLU A 51 -17.38 -3.16 -3.44
N VAL A 52 -16.54 -2.14 -3.65
CA VAL A 52 -16.50 -0.96 -2.81
C VAL A 52 -16.47 0.27 -3.70
N ARG A 53 -17.24 1.30 -3.34
CA ARG A 53 -17.18 2.59 -4.00
C ARG A 53 -16.59 3.61 -3.03
N VAL A 54 -15.43 4.17 -3.40
CA VAL A 54 -14.72 5.08 -2.52
C VAL A 54 -13.74 5.88 -3.38
N LEU A 55 -13.29 7.05 -2.88
CA LEU A 55 -12.30 7.88 -3.56
C LEU A 55 -12.76 8.26 -4.97
N GLY A 56 -14.08 8.24 -5.21
CA GLY A 56 -14.64 8.58 -6.51
C GLY A 56 -14.44 7.46 -7.53
N HIS A 57 -14.36 6.22 -7.04
CA HIS A 57 -14.10 5.07 -7.90
C HIS A 57 -14.82 3.84 -7.37
N LYS A 58 -15.10 2.91 -8.30
CA LYS A 58 -15.51 1.56 -7.98
C LYS A 58 -14.25 0.70 -7.86
N PHE A 59 -14.22 -0.12 -6.80
CA PHE A 59 -13.21 -1.15 -6.65
C PHE A 59 -13.93 -2.50 -6.68
N ARG A 60 -13.52 -3.36 -7.62
CA ARG A 60 -14.13 -4.65 -7.83
C ARG A 60 -13.94 -5.53 -6.60
N ASN A 61 -12.78 -5.40 -5.94
CA ASN A 61 -12.56 -6.03 -4.64
C ASN A 61 -11.71 -5.08 -3.81
N PRO A 62 -11.70 -5.22 -2.47
CA PRO A 62 -11.01 -4.28 -1.60
C PRO A 62 -9.55 -4.62 -1.28
N VAL A 63 -8.98 -5.59 -2.02
CA VAL A 63 -7.64 -6.09 -1.74
C VAL A 63 -6.68 -5.58 -2.81
N GLY A 64 -5.75 -4.71 -2.42
CA GLY A 64 -4.75 -4.18 -3.33
C GLY A 64 -3.34 -4.64 -2.95
N ILE A 65 -2.40 -4.39 -3.86
CA ILE A 65 -0.98 -4.56 -3.62
C ILE A 65 -0.43 -3.23 -3.11
N ALA A 66 0.27 -3.27 -1.97
CA ALA A 66 0.84 -2.09 -1.36
C ALA A 66 2.04 -1.60 -2.15
N ALA A 67 2.39 -0.33 -1.95
CA ALA A 67 3.59 0.24 -2.56
C ALA A 67 4.83 -0.53 -2.11
N GLY A 68 5.85 -0.51 -2.97
CA GLY A 68 7.12 -1.14 -2.64
C GLY A 68 7.37 -2.42 -3.45
N PHE A 69 6.31 -3.03 -3.99
CA PHE A 69 6.49 -4.22 -4.79
C PHE A 69 6.85 -3.81 -6.22
N ASP A 70 5.95 -3.05 -6.86
CA ASP A 70 6.16 -2.54 -8.20
C ASP A 70 6.54 -1.06 -8.12
N LYS A 71 7.80 -0.81 -7.76
CA LYS A 71 8.27 0.54 -7.47
C LYS A 71 8.27 1.40 -8.73
N HIS A 72 8.46 0.80 -9.90
CA HIS A 72 8.72 1.58 -11.11
C HIS A 72 7.61 1.41 -12.15
N GLY A 73 6.49 0.79 -11.77
CA GLY A 73 5.34 0.62 -12.65
C GLY A 73 5.58 -0.36 -13.80
N GLU A 74 6.25 -1.48 -13.52
CA GLU A 74 6.64 -2.43 -14.56
C GLU A 74 5.71 -3.65 -14.63
N ALA A 75 4.80 -3.82 -13.67
CA ALA A 75 4.09 -5.08 -13.54
C ALA A 75 2.59 -4.87 -13.28
N VAL A 76 2.07 -3.71 -13.65
CA VAL A 76 0.73 -3.33 -13.23
C VAL A 76 -0.28 -4.37 -13.73
N ASP A 77 -0.19 -4.72 -15.02
CA ASP A 77 -1.18 -5.59 -15.65
C ASP A 77 -1.09 -7.00 -15.08
N GLY A 78 0.13 -7.46 -14.78
CA GLY A 78 0.32 -8.75 -14.15
C GLY A 78 -0.32 -8.83 -12.76
N LEU A 79 -0.33 -7.70 -12.03
CA LEU A 79 -0.86 -7.64 -10.68
C LEU A 79 -2.39 -7.69 -10.69
N TYR A 80 -3.02 -7.05 -11.68
CA TYR A 80 -4.46 -7.17 -11.84
C TYR A 80 -4.84 -8.61 -12.17
N LYS A 81 -4.02 -9.27 -13.00
CA LYS A 81 -4.22 -10.66 -13.37
C LYS A 81 -4.11 -11.56 -12.14
N MET A 82 -3.27 -11.15 -11.18
CA MET A 82 -3.08 -11.87 -9.93
C MET A 82 -4.33 -11.82 -9.06
N GLY A 83 -5.23 -10.86 -9.30
CA GLY A 83 -6.51 -10.82 -8.61
C GLY A 83 -6.68 -9.60 -7.71
N PHE A 84 -5.69 -8.70 -7.66
CA PHE A 84 -5.80 -7.49 -6.88
C PHE A 84 -6.91 -6.61 -7.43
N GLY A 85 -7.67 -5.96 -6.55
CA GLY A 85 -8.73 -5.05 -6.96
C GLY A 85 -8.20 -3.66 -7.33
N PHE A 86 -7.00 -3.33 -6.82
CA PHE A 86 -6.33 -2.11 -7.20
C PHE A 86 -4.83 -2.29 -7.02
N VAL A 87 -4.07 -1.44 -7.73
CA VAL A 87 -2.62 -1.52 -7.74
C VAL A 87 -2.06 -0.16 -7.35
N GLU A 88 -1.08 -0.16 -6.44
CA GLU A 88 -0.33 1.03 -6.08
C GLU A 88 1.13 0.82 -6.47
N ILE A 89 1.67 1.73 -7.29
CA ILE A 89 3.06 1.66 -7.68
C ILE A 89 3.83 2.71 -6.89
N GLY A 90 5.16 2.60 -6.91
CA GLY A 90 6.03 3.54 -6.22
C GLY A 90 6.64 2.89 -4.98
N SER A 91 7.29 3.69 -4.12
CA SER A 91 7.40 5.13 -4.24
C SER A 91 8.29 5.53 -5.42
N VAL A 92 7.90 6.61 -6.09
CA VAL A 92 8.64 7.20 -7.21
C VAL A 92 9.20 8.53 -6.75
N THR A 93 10.50 8.72 -6.96
CA THR A 93 11.18 9.97 -6.64
C THR A 93 11.32 10.80 -7.92
N PRO A 94 11.41 12.15 -7.84
CA PRO A 94 11.58 12.99 -9.03
C PRO A 94 12.73 12.59 -9.96
N LYS A 95 13.95 12.51 -9.40
CA LYS A 95 15.11 12.07 -10.16
C LYS A 95 15.37 10.60 -9.83
N PRO A 96 16.01 9.84 -10.74
CA PRO A 96 16.43 8.47 -10.42
C PRO A 96 17.40 8.47 -9.25
N GLN A 97 17.37 7.41 -8.44
CA GLN A 97 18.36 7.23 -7.41
C GLN A 97 18.42 5.75 -7.06
N GLU A 98 19.59 5.30 -6.58
CA GLU A 98 19.90 3.90 -6.46
C GLU A 98 19.44 3.33 -5.11
N GLY A 99 19.20 4.21 -4.14
CA GLY A 99 18.87 3.79 -2.78
C GLY A 99 20.09 3.31 -2.02
N ASN A 100 19.87 2.54 -0.95
CA ASN A 100 20.93 2.11 -0.06
C ASN A 100 21.74 0.98 -0.68
N PRO A 101 22.98 0.73 -0.18
CA PRO A 101 23.77 -0.43 -0.59
C PRO A 101 23.19 -1.75 -0.10
N ARG A 102 23.42 -2.82 -0.88
CA ARG A 102 22.92 -4.14 -0.57
C ARG A 102 23.85 -4.82 0.44
N PRO A 103 23.38 -5.80 1.24
CA PRO A 103 21.97 -6.15 1.34
C PRO A 103 21.16 -5.09 2.09
N ARG A 104 19.89 -4.95 1.70
CA ARG A 104 19.01 -3.93 2.24
C ARG A 104 17.58 -4.46 2.42
N VAL A 105 17.42 -5.79 2.34
CA VAL A 105 16.16 -6.45 2.62
C VAL A 105 16.48 -7.76 3.34
N PHE A 106 15.66 -8.11 4.33
CA PHE A 106 15.94 -9.24 5.20
C PHE A 106 14.63 -9.94 5.52
N ARG A 107 14.65 -11.28 5.46
CA ARG A 107 13.52 -12.10 5.90
C ARG A 107 13.66 -12.45 7.37
N LEU A 108 12.53 -12.42 8.07
CA LEU A 108 12.39 -12.99 9.40
C LEU A 108 11.34 -14.09 9.30
N PRO A 109 11.71 -15.29 8.81
CA PRO A 109 10.76 -16.38 8.59
C PRO A 109 9.97 -16.78 9.86
N GLU A 110 10.65 -16.80 11.01
CA GLU A 110 10.04 -17.25 12.25
C GLU A 110 8.95 -16.28 12.71
N ASP A 111 8.96 -15.06 12.15
CA ASP A 111 8.03 -14.01 12.54
C ASP A 111 7.06 -13.68 11.40
N GLN A 112 7.20 -14.35 10.25
CA GLN A 112 6.50 -14.00 9.02
C GLN A 112 6.61 -12.50 8.79
N ALA A 113 7.86 -12.02 8.79
CA ALA A 113 8.13 -10.60 8.72
C ALA A 113 9.28 -10.33 7.76
N VAL A 114 9.38 -9.06 7.35
CA VAL A 114 10.48 -8.58 6.55
C VAL A 114 10.95 -7.26 7.15
N ILE A 115 12.27 -7.03 7.11
CA ILE A 115 12.84 -5.73 7.39
C ILE A 115 13.47 -5.24 6.09
N ASN A 116 13.21 -3.99 5.71
CA ASN A 116 13.79 -3.45 4.50
C ASN A 116 14.34 -2.05 4.78
N ARG A 117 15.44 -1.72 4.11
CA ARG A 117 15.94 -0.36 4.05
C ARG A 117 16.36 -0.04 2.63
N TYR A 118 15.43 -0.16 1.69
CA TYR A 118 15.71 0.08 0.28
C TYR A 118 16.20 1.50 0.05
N GLY A 119 15.58 2.46 0.74
CA GLY A 119 15.97 3.87 0.64
C GLY A 119 15.48 4.53 -0.64
N PHE A 120 14.24 4.23 -1.07
CA PHE A 120 13.61 4.87 -2.22
C PHE A 120 14.47 4.72 -3.47
N ASN A 121 14.86 3.49 -3.79
CA ASN A 121 15.41 3.18 -5.11
C ASN A 121 14.32 3.44 -6.15
N SER A 122 14.63 4.25 -7.16
CA SER A 122 13.60 4.68 -8.09
C SER A 122 14.19 4.95 -9.47
N HIS A 123 13.43 4.57 -10.51
CA HIS A 123 13.77 4.92 -11.88
C HIS A 123 13.51 6.40 -12.15
N GLY A 124 12.72 7.06 -11.29
CA GLY A 124 12.45 8.48 -11.42
C GLY A 124 11.16 8.73 -12.21
N LEU A 125 10.65 9.96 -12.10
CA LEU A 125 9.34 10.32 -12.62
C LEU A 125 9.27 10.12 -14.14
N SER A 126 10.31 10.56 -14.85
N SER A 126 10.31 10.56 -14.84
CA SER A 126 10.29 10.56 -16.31
CA SER A 126 10.31 10.57 -16.30
C SER A 126 10.10 9.15 -16.86
C SER A 126 10.11 9.16 -16.85
N VAL A 127 10.90 8.21 -16.35
CA VAL A 127 10.83 6.83 -16.81
C VAL A 127 9.45 6.24 -16.49
N VAL A 128 8.95 6.46 -15.26
CA VAL A 128 7.68 5.90 -14.87
C VAL A 128 6.56 6.55 -15.70
N GLU A 129 6.64 7.87 -15.88
CA GLU A 129 5.68 8.60 -16.68
C GLU A 129 5.52 7.95 -18.05
N HIS A 130 6.65 7.67 -18.71
CA HIS A 130 6.64 7.11 -20.05
C HIS A 130 6.07 5.69 -20.04
N ARG A 131 6.38 4.93 -18.98
N ARG A 131 6.38 4.90 -19.00
CA ARG A 131 5.91 3.57 -18.81
CA ARG A 131 5.86 3.55 -18.89
C ARG A 131 4.38 3.55 -18.69
C ARG A 131 4.35 3.56 -18.73
N LEU A 132 3.83 4.48 -17.89
CA LEU A 132 2.40 4.56 -17.64
C LEU A 132 1.69 5.10 -18.89
N ARG A 133 2.33 6.03 -19.60
CA ARG A 133 1.74 6.60 -20.79
C ARG A 133 1.52 5.53 -21.86
N ALA A 134 2.41 4.54 -21.90
CA ALA A 134 2.34 3.47 -22.88
C ALA A 134 1.06 2.65 -22.75
N ARG A 135 0.43 2.68 -21.56
CA ARG A 135 -0.75 1.86 -21.30
C ARG A 135 -1.86 2.71 -20.69
N GLN A 136 -1.85 4.02 -20.95
CA GLN A 136 -2.74 4.96 -20.27
C GLN A 136 -4.20 4.61 -20.59
N GLN A 137 -4.50 4.33 -21.85
CA GLN A 137 -5.87 4.06 -22.28
C GLN A 137 -6.33 2.70 -21.79
N LYS A 138 -5.40 1.74 -21.74
CA LYS A 138 -5.66 0.44 -21.14
C LYS A 138 -6.09 0.61 -19.68
N GLN A 139 -5.37 1.47 -18.94
CA GLN A 139 -5.68 1.72 -17.55
C GLN A 139 -7.03 2.41 -17.42
N ALA A 140 -7.36 3.30 -18.37
CA ALA A 140 -8.62 4.01 -18.32
C ALA A 140 -9.78 3.01 -18.33
N LYS A 141 -9.66 1.95 -19.12
CA LYS A 141 -10.71 0.95 -19.21
C LYS A 141 -10.73 0.06 -17.97
N LEU A 142 -9.54 -0.28 -17.44
CA LEU A 142 -9.45 -1.04 -16.21
C LEU A 142 -10.14 -0.28 -15.08
N THR A 143 -9.83 1.02 -14.95
CA THR A 143 -10.40 1.85 -13.90
C THR A 143 -11.93 1.84 -14.00
N GLU A 144 -12.45 2.02 -15.22
N GLU A 144 -12.44 2.04 -15.23
CA GLU A 144 -13.89 2.03 -15.46
CA GLU A 144 -13.86 2.02 -15.53
C GLU A 144 -14.50 0.67 -15.13
C GLU A 144 -14.47 0.68 -15.12
N ASP A 145 -13.71 -0.40 -15.28
CA ASP A 145 -14.16 -1.75 -14.93
C ASP A 145 -13.91 -2.08 -13.45
N GLY A 146 -13.47 -1.11 -12.63
CA GLY A 146 -13.37 -1.33 -11.19
C GLY A 146 -11.98 -1.78 -10.73
N LEU A 147 -10.94 -1.42 -11.49
CA LEU A 147 -9.57 -1.79 -11.17
C LEU A 147 -8.68 -0.54 -11.23
N PRO A 148 -8.75 0.35 -10.21
CA PRO A 148 -7.98 1.59 -10.21
C PRO A 148 -6.48 1.43 -9.98
N LEU A 149 -5.75 2.52 -10.26
CA LEU A 149 -4.30 2.56 -10.16
C LEU A 149 -3.91 3.73 -9.27
N GLY A 150 -3.10 3.43 -8.26
CA GLY A 150 -2.53 4.43 -7.38
C GLY A 150 -1.05 4.62 -7.68
N VAL A 151 -0.57 5.84 -7.42
CA VAL A 151 0.85 6.16 -7.55
C VAL A 151 1.32 6.80 -6.25
N ASN A 152 2.37 6.21 -5.69
CA ASN A 152 2.92 6.62 -4.42
C ASN A 152 4.16 7.46 -4.70
N LEU A 153 4.19 8.69 -4.19
CA LEU A 153 5.24 9.64 -4.48
C LEU A 153 6.21 9.72 -3.32
N GLY A 154 7.51 9.74 -3.65
CA GLY A 154 8.56 9.97 -2.67
C GLY A 154 9.36 11.23 -3.00
N LYS A 155 10.47 11.41 -2.27
CA LYS A 155 11.35 12.54 -2.50
C LYS A 155 12.78 12.03 -2.56
N ASN A 156 13.63 12.81 -3.25
CA ASN A 156 15.01 12.45 -3.43
C ASN A 156 15.78 12.66 -2.12
N LYS A 157 16.80 11.83 -1.94
CA LYS A 157 17.63 11.83 -0.75
C LYS A 157 18.28 13.20 -0.56
N THR A 158 18.71 13.83 -1.66
CA THR A 158 19.49 15.06 -1.58
C THR A 158 18.62 16.29 -1.85
N SER A 159 17.30 16.08 -2.01
CA SER A 159 16.36 17.17 -2.21
C SER A 159 16.55 18.22 -1.12
N VAL A 160 16.46 19.50 -1.51
CA VAL A 160 16.57 20.62 -0.57
C VAL A 160 15.19 21.21 -0.28
N ASP A 161 14.13 20.63 -0.85
CA ASP A 161 12.79 21.16 -0.72
C ASP A 161 11.80 20.01 -0.94
N ALA A 162 11.40 19.36 0.16
CA ALA A 162 10.54 18.19 0.10
C ALA A 162 9.26 18.49 -0.67
N ALA A 163 8.67 19.67 -0.40
CA ALA A 163 7.37 20.01 -0.94
C ALA A 163 7.41 20.13 -2.46
N GLU A 164 8.56 20.55 -3.00
CA GLU A 164 8.70 20.72 -4.44
C GLU A 164 8.89 19.36 -5.11
N ASP A 165 9.48 18.40 -4.40
CA ASP A 165 9.59 17.04 -4.89
C ASP A 165 8.19 16.44 -5.06
N TYR A 166 7.33 16.62 -4.06
CA TYR A 166 5.99 16.05 -4.11
C TYR A 166 5.16 16.78 -5.16
N ALA A 167 5.40 18.09 -5.32
CA ALA A 167 4.68 18.88 -6.30
C ALA A 167 5.03 18.45 -7.72
N GLU A 168 6.32 18.15 -7.96
CA GLU A 168 6.76 17.62 -9.24
C GLU A 168 6.03 16.32 -9.55
N GLY A 169 5.96 15.43 -8.54
CA GLY A 169 5.29 14.16 -8.70
C GLY A 169 3.82 14.33 -9.08
N VAL A 170 3.14 15.25 -8.40
CA VAL A 170 1.73 15.49 -8.66
C VAL A 170 1.56 15.90 -10.12
N ARG A 171 2.41 16.80 -10.58
CA ARG A 171 2.28 17.36 -11.92
C ARG A 171 2.59 16.31 -12.98
N VAL A 172 3.54 15.41 -12.70
CA VAL A 172 4.00 14.49 -13.72
C VAL A 172 3.15 13.21 -13.72
N LEU A 173 2.92 12.62 -12.54
CA LEU A 173 2.24 11.33 -12.49
C LEU A 173 0.77 11.48 -12.08
N GLY A 174 0.39 12.62 -11.48
CA GLY A 174 -0.98 12.86 -11.09
C GLY A 174 -1.97 12.61 -12.23
N PRO A 175 -1.68 13.07 -13.46
CA PRO A 175 -2.58 12.86 -14.60
C PRO A 175 -2.76 11.42 -15.06
N LEU A 176 -1.95 10.50 -14.53
CA LEU A 176 -1.95 9.09 -14.92
C LEU A 176 -2.47 8.22 -13.79
N ALA A 177 -2.88 8.83 -12.68
CA ALA A 177 -3.22 8.11 -11.46
C ALA A 177 -4.69 8.29 -11.13
N ASP A 178 -5.30 7.28 -10.50
CA ASP A 178 -6.62 7.44 -9.92
C ASP A 178 -6.49 8.04 -8.52
N TYR A 179 -5.40 7.70 -7.83
CA TYR A 179 -5.07 8.36 -6.58
C TYR A 179 -3.56 8.47 -6.45
N LEU A 180 -3.13 9.54 -5.76
CA LEU A 180 -1.74 9.76 -5.41
C LEU A 180 -1.57 9.56 -3.92
N VAL A 181 -0.40 9.07 -3.51
CA VAL A 181 -0.08 8.94 -2.10
C VAL A 181 1.13 9.82 -1.80
N VAL A 182 0.96 10.73 -0.85
CA VAL A 182 2.08 11.46 -0.29
C VAL A 182 2.61 10.62 0.86
N ASN A 183 3.78 10.04 0.61
CA ASN A 183 4.42 9.14 1.54
C ASN A 183 5.29 9.95 2.49
N VAL A 184 4.76 10.21 3.69
CA VAL A 184 5.46 10.99 4.69
C VAL A 184 5.98 10.06 5.79
N SER A 185 6.17 8.77 5.47
CA SER A 185 6.26 7.74 6.51
C SER A 185 7.35 6.70 6.23
N SER A 186 8.13 6.84 5.15
CA SER A 186 9.27 5.96 4.97
C SER A 186 10.24 6.10 6.15
N PRO A 187 10.65 4.98 6.78
CA PRO A 187 11.64 5.03 7.86
C PRO A 187 13.09 5.12 7.39
N ASN A 188 13.30 5.22 6.07
CA ASN A 188 14.61 4.97 5.46
C ASN A 188 15.11 6.19 4.70
N THR A 189 14.41 7.32 4.81
CA THR A 189 14.89 8.58 4.27
C THR A 189 14.96 9.58 5.43
N ALA A 190 16.16 10.12 5.65
CA ALA A 190 16.43 10.98 6.80
C ALA A 190 15.56 12.24 6.71
N GLY A 191 14.80 12.48 7.79
CA GLY A 191 14.02 13.70 7.95
C GLY A 191 12.56 13.58 7.48
N LEU A 192 12.21 12.45 6.84
CA LEU A 192 10.98 12.36 6.08
C LEU A 192 9.76 12.32 7.00
N ARG A 193 9.83 11.54 8.09
CA ARG A 193 8.68 11.33 8.96
C ARG A 193 8.37 12.60 9.76
N SER A 194 9.35 13.53 9.84
CA SER A 194 9.13 14.83 10.46
C SER A 194 8.24 15.70 9.58
N LEU A 195 7.93 15.25 8.35
CA LEU A 195 6.92 15.88 7.51
C LEU A 195 5.53 15.67 8.10
N GLN A 196 5.41 14.79 9.11
CA GLN A 196 4.12 14.48 9.71
C GLN A 196 3.76 15.47 10.82
N GLY A 197 4.68 16.39 11.16
CA GLY A 197 4.40 17.47 12.10
C GLY A 197 3.40 18.47 11.52
N LYS A 198 2.83 19.31 12.40
CA LYS A 198 1.59 20.04 12.13
C LYS A 198 1.79 21.10 11.03
N ALA A 199 2.51 22.18 11.34
CA ALA A 199 2.63 23.32 10.43
C ALA A 199 3.38 22.92 9.17
N GLU A 200 4.41 22.09 9.31
CA GLU A 200 5.14 21.51 8.18
C GLU A 200 4.22 20.68 7.29
N LEU A 201 3.40 19.83 7.91
CA LEU A 201 2.49 18.98 7.16
C LEU A 201 1.44 19.84 6.47
N ARG A 202 0.95 20.87 7.16
CA ARG A 202 -0.08 21.74 6.60
C ARG A 202 0.48 22.42 5.36
N ARG A 203 1.71 22.95 5.47
CA ARG A 203 2.33 23.69 4.38
C ARG A 203 2.54 22.77 3.19
N LEU A 204 3.00 21.55 3.46
CA LEU A 204 3.28 20.56 2.42
C LEU A 204 2.00 20.16 1.68
N LEU A 205 0.96 19.80 2.43
CA LEU A 205 -0.25 19.26 1.83
C LEU A 205 -1.05 20.37 1.15
N THR A 206 -0.94 21.61 1.64
CA THR A 206 -1.55 22.74 0.96
C THR A 206 -0.97 22.87 -0.45
N LYS A 207 0.34 22.69 -0.56
CA LYS A 207 1.04 22.81 -1.83
C LYS A 207 0.68 21.64 -2.75
N VAL A 208 0.67 20.42 -2.21
CA VAL A 208 0.31 19.24 -2.99
C VAL A 208 -1.09 19.42 -3.57
N LEU A 209 -2.04 19.84 -2.72
CA LEU A 209 -3.44 19.91 -3.10
C LEU A 209 -3.66 21.02 -4.13
N GLN A 210 -2.85 22.09 -4.08
CA GLN A 210 -2.97 23.16 -5.05
C GLN A 210 -2.54 22.65 -6.43
N GLU A 211 -1.42 21.94 -6.48
CA GLU A 211 -0.95 21.36 -7.74
C GLU A 211 -2.01 20.40 -8.28
N ARG A 212 -2.60 19.57 -7.41
CA ARG A 212 -3.59 18.60 -7.82
C ARG A 212 -4.79 19.31 -8.45
N ASP A 213 -5.26 20.37 -7.76
CA ASP A 213 -6.45 21.10 -8.19
C ASP A 213 -6.19 21.80 -9.52
N GLY A 214 -4.91 22.01 -9.85
CA GLY A 214 -4.53 22.66 -11.10
C GLY A 214 -4.53 21.72 -12.31
N LEU A 215 -4.74 20.41 -12.09
CA LEU A 215 -4.84 19.48 -13.21
C LEU A 215 -6.24 19.53 -13.81
N ARG A 216 -6.36 19.17 -15.09
CA ARG A 216 -7.64 19.08 -15.76
C ARG A 216 -8.48 17.97 -15.12
N ARG A 217 -9.81 18.13 -15.19
CA ARG A 217 -10.75 17.39 -14.38
C ARG A 217 -10.59 15.87 -14.57
N VAL A 218 -10.46 15.40 -15.82
CA VAL A 218 -10.40 13.96 -16.04
C VAL A 218 -9.03 13.42 -15.63
N HIS A 219 -8.09 14.32 -15.30
CA HIS A 219 -6.74 13.92 -14.91
C HIS A 219 -6.45 14.31 -13.46
N ARG A 220 -7.50 14.44 -12.66
CA ARG A 220 -7.38 15.01 -11.33
C ARG A 220 -7.55 13.89 -10.30
N PRO A 221 -6.45 13.35 -9.71
CA PRO A 221 -6.55 12.24 -8.78
C PRO A 221 -6.94 12.65 -7.36
N ALA A 222 -7.46 11.67 -6.60
CA ALA A 222 -7.56 11.77 -5.16
C ALA A 222 -6.17 11.82 -4.57
N VAL A 223 -6.00 12.54 -3.45
CA VAL A 223 -4.72 12.59 -2.76
C VAL A 223 -4.87 11.96 -1.38
N LEU A 224 -4.02 10.96 -1.11
CA LEU A 224 -3.99 10.31 0.18
C LEU A 224 -2.65 10.58 0.85
N VAL A 225 -2.63 10.47 2.18
CA VAL A 225 -1.42 10.58 2.95
C VAL A 225 -1.18 9.24 3.63
N LYS A 226 0.06 8.75 3.54
CA LYS A 226 0.44 7.49 4.13
C LYS A 226 1.24 7.77 5.39
N ILE A 227 0.81 7.18 6.51
CA ILE A 227 1.42 7.48 7.79
C ILE A 227 2.09 6.23 8.35
N ALA A 228 3.01 6.49 9.29
CA ALA A 228 3.72 5.46 10.00
C ALA A 228 2.87 4.92 11.15
N PRO A 229 3.19 3.72 11.66
CA PRO A 229 2.56 3.20 12.87
C PRO A 229 3.18 3.73 14.17
N ASP A 230 4.24 4.54 14.06
CA ASP A 230 5.08 4.89 15.19
C ASP A 230 4.78 6.31 15.67
N LEU A 231 3.63 6.85 15.28
CA LEU A 231 3.25 8.20 15.65
C LEU A 231 2.86 8.25 17.13
N THR A 232 3.13 9.39 17.78
CA THR A 232 2.57 9.65 19.09
C THR A 232 1.10 10.01 18.95
N SER A 233 0.39 10.03 20.08
CA SER A 233 -1.00 10.46 20.12
C SER A 233 -1.14 11.89 19.64
N GLN A 234 -0.15 12.75 19.97
CA GLN A 234 -0.13 14.13 19.53
C GLN A 234 -0.04 14.20 18.01
N ASP A 235 0.85 13.39 17.43
CA ASP A 235 1.09 13.33 16.00
C ASP A 235 -0.21 12.98 15.26
N LYS A 236 -0.91 11.95 15.76
CA LYS A 236 -2.14 11.46 15.16
C LYS A 236 -3.26 12.51 15.23
N GLU A 237 -3.40 13.17 16.39
CA GLU A 237 -4.35 14.26 16.55
C GLU A 237 -4.08 15.37 15.54
N ASP A 238 -2.80 15.69 15.35
CA ASP A 238 -2.40 16.76 14.46
C ASP A 238 -2.70 16.38 13.01
N ILE A 239 -2.41 15.12 12.62
CA ILE A 239 -2.65 14.64 11.28
C ILE A 239 -4.15 14.65 10.99
N ALA A 240 -4.94 14.13 11.94
CA ALA A 240 -6.40 14.11 11.81
C ALA A 240 -6.91 15.53 11.56
N SER A 241 -6.41 16.46 12.36
CA SER A 241 -6.83 17.85 12.30
C SER A 241 -6.53 18.47 10.93
N VAL A 242 -5.32 18.24 10.42
CA VAL A 242 -4.87 18.80 9.14
C VAL A 242 -5.66 18.19 7.99
N VAL A 243 -5.86 16.88 8.03
CA VAL A 243 -6.53 16.15 6.97
C VAL A 243 -7.94 16.70 6.78
N LYS A 244 -8.60 17.05 7.89
CA LYS A 244 -9.97 17.53 7.83
C LYS A 244 -10.01 19.01 7.44
N GLU A 245 -9.03 19.79 7.91
CA GLU A 245 -8.94 21.20 7.56
C GLU A 245 -8.78 21.36 6.05
N LEU A 246 -7.95 20.52 5.42
CA LEU A 246 -7.55 20.70 4.02
C LEU A 246 -8.40 19.88 3.07
N GLY A 247 -9.15 18.90 3.60
CA GLY A 247 -9.97 18.04 2.75
C GLY A 247 -9.12 17.06 1.96
N ILE A 248 -8.14 16.46 2.64
CA ILE A 248 -7.38 15.35 2.09
C ILE A 248 -8.37 14.20 1.85
N ASP A 249 -8.17 13.46 0.76
CA ASP A 249 -9.17 12.53 0.26
C ASP A 249 -9.15 11.23 1.06
N GLY A 250 -8.01 10.89 1.68
CA GLY A 250 -7.93 9.66 2.45
C GLY A 250 -6.57 9.45 3.11
N LEU A 251 -6.48 8.36 3.87
CA LEU A 251 -5.28 7.98 4.60
C LEU A 251 -4.91 6.54 4.24
N ILE A 252 -3.61 6.28 4.14
CA ILE A 252 -3.08 4.93 4.10
C ILE A 252 -2.38 4.67 5.43
N VAL A 253 -2.78 3.57 6.06
CA VAL A 253 -2.45 3.28 7.44
C VAL A 253 -2.17 1.79 7.52
N THR A 254 -0.91 1.35 7.61
CA THR A 254 0.27 2.16 7.89
C THR A 254 1.45 1.70 7.03
N ASN A 255 2.52 2.49 7.08
CA ASN A 255 3.83 2.09 6.57
C ASN A 255 4.47 1.08 7.53
N THR A 256 5.73 0.73 7.28
CA THR A 256 6.49 -0.17 8.14
C THR A 256 6.88 0.54 9.43
N THR A 257 7.25 -0.25 10.45
CA THR A 257 7.55 0.26 11.77
C THR A 257 9.06 0.20 12.04
N VAL A 258 9.59 1.23 12.69
CA VAL A 258 10.98 1.23 13.16
C VAL A 258 11.03 0.63 14.56
N SER A 259 9.87 0.27 15.12
CA SER A 259 9.85 -0.43 16.40
C SER A 259 10.19 -1.89 16.16
N ARG A 260 10.62 -2.56 17.24
CA ARG A 260 10.88 -3.98 17.24
C ARG A 260 10.07 -4.60 18.38
N PRO A 261 8.83 -5.05 18.12
CA PRO A 261 7.99 -5.60 19.16
C PRO A 261 8.69 -6.71 19.92
N ALA A 262 8.39 -6.83 21.21
CA ALA A 262 8.89 -7.93 22.02
C ALA A 262 8.50 -9.24 21.35
N GLY A 263 9.43 -10.20 21.33
CA GLY A 263 9.11 -11.56 20.96
C GLY A 263 9.57 -11.94 19.55
N LEU A 264 10.10 -10.98 18.77
CA LEU A 264 10.71 -11.30 17.48
C LEU A 264 11.80 -12.35 17.68
N GLN A 265 11.80 -13.38 16.82
CA GLN A 265 12.70 -14.50 16.93
C GLN A 265 13.75 -14.50 15.82
N GLY A 266 13.45 -13.86 14.70
CA GLY A 266 14.35 -13.85 13.56
C GLY A 266 15.76 -13.43 13.98
N ALA A 267 16.76 -14.12 13.43
CA ALA A 267 18.16 -13.79 13.65
C ALA A 267 18.47 -12.35 13.25
N LEU A 268 17.74 -11.81 12.26
CA LEU A 268 18.05 -10.51 11.68
C LEU A 268 17.16 -9.40 12.24
N ARG A 269 16.61 -9.59 13.44
CA ARG A 269 15.61 -8.68 13.99
C ARG A 269 16.21 -7.33 14.36
N SER A 270 17.53 -7.24 14.49
CA SER A 270 18.18 -6.00 14.90
C SER A 270 18.81 -5.27 13.70
N GLU A 271 18.48 -5.70 12.48
CA GLU A 271 18.81 -4.94 11.28
C GLU A 271 18.04 -3.62 11.30
N THR A 272 18.70 -2.57 10.81
CA THR A 272 18.06 -1.28 10.56
C THR A 272 17.06 -1.41 9.42
N GLY A 273 15.90 -0.77 9.60
CA GLY A 273 14.92 -0.65 8.54
C GLY A 273 13.50 -0.69 9.08
N GLY A 274 12.54 -0.66 8.15
CA GLY A 274 11.14 -0.83 8.47
C GLY A 274 10.75 -2.30 8.53
N LEU A 275 10.07 -2.66 9.62
CA LEU A 275 9.52 -4.00 9.82
C LEU A 275 8.11 -4.07 9.25
N SER A 276 7.83 -5.17 8.52
CA SER A 276 6.54 -5.41 7.90
C SER A 276 6.06 -6.81 8.27
N GLY A 277 4.79 -7.11 7.92
CA GLY A 277 4.25 -8.45 8.09
C GLY A 277 3.55 -8.61 9.44
N LYS A 278 3.51 -9.85 9.93
CA LYS A 278 2.65 -10.23 11.04
C LYS A 278 2.91 -9.35 12.26
N PRO A 279 4.18 -9.09 12.66
CA PRO A 279 4.44 -8.26 13.83
C PRO A 279 3.88 -6.84 13.75
N LEU A 280 3.54 -6.39 12.54
CA LEU A 280 3.00 -5.05 12.31
C LEU A 280 1.47 -5.06 12.35
N ARG A 281 0.85 -6.25 12.29
CA ARG A 281 -0.57 -6.35 12.00
C ARG A 281 -1.42 -5.54 12.98
N ASP A 282 -1.26 -5.78 14.28
CA ASP A 282 -2.20 -5.24 15.26
C ASP A 282 -1.86 -3.78 15.57
N LEU A 283 -0.60 -3.39 15.31
N LEU A 283 -0.57 -3.40 15.51
CA LEU A 283 -0.17 -2.00 15.37
CA LEU A 283 -0.20 -2.01 15.68
C LEU A 283 -0.74 -1.20 14.21
C LEU A 283 -0.97 -1.16 14.67
N SER A 284 -0.89 -1.83 13.02
N SER A 284 -0.98 -1.67 13.42
N SER A 284 -0.93 -1.63 13.26
CA SER A 284 -1.59 -1.19 11.91
CA SER A 284 -1.55 -0.98 12.27
CA SER A 284 -1.57 -1.06 12.09
C SER A 284 -3.07 -1.01 12.23
C SER A 284 -3.08 -0.94 12.37
C SER A 284 -3.08 -0.98 12.29
N THR A 285 -3.69 -2.06 12.80
CA THR A 285 -5.13 -2.11 12.99
C THR A 285 -5.55 -1.09 14.05
N GLN A 286 -4.72 -0.93 15.08
CA GLN A 286 -5.00 0.01 16.15
C GLN A 286 -4.82 1.44 15.68
N THR A 287 -3.91 1.68 14.73
CA THR A 287 -3.75 3.00 14.15
C THR A 287 -4.98 3.32 13.29
N ILE A 288 -5.49 2.34 12.55
CA ILE A 288 -6.66 2.52 11.71
C ILE A 288 -7.83 2.94 12.60
N ARG A 289 -7.96 2.22 13.72
CA ARG A 289 -9.05 2.42 14.66
C ARG A 289 -9.03 3.84 15.20
N GLU A 290 -7.85 4.31 15.62
CA GLU A 290 -7.69 5.65 16.14
C GLU A 290 -7.96 6.69 15.07
N MET A 291 -7.39 6.53 13.87
CA MET A 291 -7.51 7.56 12.85
C MET A 291 -8.97 7.67 12.38
N TYR A 292 -9.66 6.53 12.30
CA TYR A 292 -11.07 6.49 11.94
C TYR A 292 -11.88 7.33 12.93
N ALA A 293 -11.61 7.14 14.22
CA ALA A 293 -12.33 7.83 15.29
C ALA A 293 -12.01 9.32 15.27
N LEU A 294 -10.72 9.65 15.11
CA LEU A 294 -10.29 11.05 15.06
C LEU A 294 -10.88 11.78 13.85
N THR A 295 -11.23 11.05 12.78
CA THR A 295 -11.74 11.68 11.57
C THR A 295 -13.25 11.50 11.47
N GLN A 296 -13.86 10.96 12.53
CA GLN A 296 -15.30 10.77 12.62
C GLN A 296 -15.83 9.87 11.50
N GLY A 297 -14.98 8.96 10.98
CA GLY A 297 -15.39 8.03 9.94
C GLY A 297 -15.65 8.69 8.59
N ARG A 298 -15.20 9.94 8.42
CA ARG A 298 -15.54 10.73 7.23
C ARG A 298 -14.36 10.79 6.25
N VAL A 299 -13.24 10.15 6.59
CA VAL A 299 -12.07 10.10 5.74
C VAL A 299 -11.76 8.64 5.40
N PRO A 300 -11.89 8.22 4.13
CA PRO A 300 -11.53 6.86 3.72
C PRO A 300 -10.12 6.45 4.15
N ILE A 301 -10.00 5.22 4.67
CA ILE A 301 -8.72 4.66 5.06
C ILE A 301 -8.46 3.40 4.25
N ILE A 302 -7.24 3.31 3.71
CA ILE A 302 -6.70 2.06 3.20
C ILE A 302 -5.85 1.44 4.30
N GLY A 303 -6.27 0.27 4.77
CA GLY A 303 -5.60 -0.44 5.84
C GLY A 303 -4.52 -1.34 5.28
N VAL A 304 -3.32 -1.29 5.87
N VAL A 304 -3.32 -1.27 5.90
CA VAL A 304 -2.23 -2.12 5.41
CA VAL A 304 -2.13 -1.96 5.43
C VAL A 304 -1.26 -2.37 6.57
C VAL A 304 -1.34 -2.38 6.67
N GLY A 305 -0.79 -3.61 6.65
CA GLY A 305 0.11 -4.07 7.70
C GLY A 305 -0.26 -5.47 8.18
N GLY A 306 0.47 -6.47 7.66
CA GLY A 306 0.41 -7.83 8.17
C GLY A 306 -0.87 -8.57 7.79
N VAL A 307 -1.52 -8.20 6.67
CA VAL A 307 -2.70 -8.91 6.21
C VAL A 307 -2.26 -10.16 5.43
N SER A 308 -2.69 -11.33 5.89
N SER A 308 -2.69 -11.33 5.92
CA SER A 308 -2.45 -12.57 5.17
CA SER A 308 -2.41 -12.61 5.29
C SER A 308 -3.66 -13.49 5.22
C SER A 308 -3.68 -13.45 5.14
N SER A 309 -4.81 -12.97 5.67
CA SER A 309 -6.03 -13.77 5.76
C SER A 309 -7.27 -12.89 5.68
N GLY A 310 -8.41 -13.54 5.44
CA GLY A 310 -9.71 -12.89 5.44
C GLY A 310 -10.02 -12.22 6.78
N GLN A 311 -9.63 -12.88 7.88
CA GLN A 311 -9.84 -12.35 9.22
C GLN A 311 -9.00 -11.08 9.42
N ASP A 312 -7.73 -11.11 8.98
CA ASP A 312 -6.85 -9.96 9.06
C ASP A 312 -7.48 -8.77 8.34
N ALA A 313 -8.00 -9.04 7.14
CA ALA A 313 -8.58 -8.02 6.29
C ALA A 313 -9.84 -7.45 6.92
N LEU A 314 -10.71 -8.34 7.42
CA LEU A 314 -11.96 -7.92 7.98
C LEU A 314 -11.76 -7.19 9.31
N GLU A 315 -10.70 -7.52 10.06
CA GLU A 315 -10.41 -6.78 11.28
C GLU A 315 -10.10 -5.32 10.93
N LYS A 316 -9.33 -5.09 9.86
CA LYS A 316 -8.98 -3.74 9.45
C LYS A 316 -10.21 -3.01 8.96
N ILE A 317 -11.07 -3.70 8.19
CA ILE A 317 -12.28 -3.11 7.66
C ILE A 317 -13.20 -2.68 8.82
N ARG A 318 -13.39 -3.58 9.79
N ARG A 318 -13.40 -3.57 9.80
CA ARG A 318 -14.25 -3.31 10.93
CA ARG A 318 -14.26 -3.29 10.92
C ARG A 318 -13.67 -2.19 11.79
C ARG A 318 -13.67 -2.18 11.80
N ALA A 319 -12.34 -2.06 11.80
CA ALA A 319 -11.66 -0.99 12.53
C ALA A 319 -11.84 0.36 11.83
N GLY A 320 -12.15 0.35 10.52
CA GLY A 320 -12.41 1.58 9.78
C GLY A 320 -11.88 1.61 8.34
N ALA A 321 -11.21 0.56 7.87
CA ALA A 321 -10.65 0.57 6.53
C ALA A 321 -11.73 0.33 5.49
N SER A 322 -11.71 1.12 4.41
CA SER A 322 -12.58 0.91 3.26
C SER A 322 -11.94 -0.07 2.27
N LEU A 323 -10.60 -0.11 2.26
CA LEU A 323 -9.82 -0.99 1.39
C LEU A 323 -8.65 -1.52 2.22
N VAL A 324 -8.06 -2.63 1.78
CA VAL A 324 -6.85 -3.13 2.41
C VAL A 324 -5.81 -3.40 1.33
N GLN A 325 -4.54 -3.32 1.72
CA GLN A 325 -3.44 -3.74 0.88
C GLN A 325 -2.61 -4.78 1.62
N LEU A 326 -1.86 -5.56 0.86
CA LEU A 326 -0.85 -6.43 1.43
C LEU A 326 0.36 -6.44 0.52
N TYR A 327 1.49 -6.86 1.12
CA TYR A 327 2.72 -7.04 0.38
C TYR A 327 3.44 -8.25 0.97
N THR A 328 3.83 -8.15 2.24
CA THR A 328 4.74 -9.11 2.85
C THR A 328 4.19 -10.54 2.75
N ALA A 329 2.87 -10.73 2.88
CA ALA A 329 2.27 -12.05 2.79
C ALA A 329 2.61 -12.75 1.47
N LEU A 330 2.81 -11.98 0.39
CA LEU A 330 3.19 -12.54 -0.91
C LEU A 330 4.56 -13.22 -0.85
N THR A 331 5.46 -12.69 -0.02
CA THR A 331 6.83 -13.16 0.00
C THR A 331 6.90 -14.50 0.72
N PHE A 332 5.82 -14.86 1.43
CA PHE A 332 5.77 -16.10 2.18
C PHE A 332 4.83 -17.11 1.54
N TRP A 333 3.71 -16.64 0.98
CA TRP A 333 2.66 -17.54 0.49
C TRP A 333 2.53 -17.47 -1.03
N GLY A 334 3.12 -16.45 -1.66
CA GLY A 334 3.05 -16.32 -3.11
C GLY A 334 1.66 -15.85 -3.57
N PRO A 335 1.46 -15.73 -4.91
CA PRO A 335 0.21 -15.23 -5.49
C PRO A 335 -1.09 -15.84 -4.98
N PRO A 336 -1.17 -17.15 -4.64
CA PRO A 336 -2.40 -17.73 -4.13
C PRO A 336 -3.01 -17.04 -2.91
N VAL A 337 -2.21 -16.27 -2.16
CA VAL A 337 -2.71 -15.63 -0.95
C VAL A 337 -3.81 -14.62 -1.31
N VAL A 338 -3.74 -14.03 -2.51
CA VAL A 338 -4.69 -13.00 -2.91
C VAL A 338 -6.09 -13.60 -2.97
N GLY A 339 -6.23 -14.72 -3.69
CA GLY A 339 -7.50 -15.42 -3.79
C GLY A 339 -7.95 -15.95 -2.43
N LYS A 340 -6.98 -16.35 -1.59
CA LYS A 340 -7.28 -16.85 -0.26
C LYS A 340 -7.93 -15.76 0.58
N VAL A 341 -7.35 -14.56 0.59
CA VAL A 341 -7.85 -13.48 1.43
C VAL A 341 -9.28 -13.11 1.01
N LYS A 342 -9.51 -13.03 -0.31
CA LYS A 342 -10.81 -12.64 -0.84
C LYS A 342 -11.88 -13.70 -0.54
N ARG A 343 -11.53 -14.98 -0.71
CA ARG A 343 -12.46 -16.06 -0.44
C ARG A 343 -12.85 -16.08 1.04
N GLU A 344 -11.85 -15.99 1.93
CA GLU A 344 -12.09 -16.01 3.38
C GLU A 344 -12.89 -14.77 3.78
N LEU A 345 -12.55 -13.60 3.22
CA LEU A 345 -13.22 -12.36 3.56
C LEU A 345 -14.71 -12.51 3.24
N GLU A 346 -15.02 -13.01 2.04
CA GLU A 346 -16.39 -13.18 1.60
C GLU A 346 -17.14 -14.11 2.55
N ALA A 347 -16.51 -15.21 2.95
CA ALA A 347 -17.13 -16.16 3.87
C ALA A 347 -17.41 -15.49 5.22
N LEU A 348 -16.46 -14.70 5.72
CA LEU A 348 -16.60 -14.09 7.03
C LEU A 348 -17.71 -13.04 7.01
N LEU A 349 -17.84 -12.30 5.91
CA LEU A 349 -18.87 -11.27 5.79
C LEU A 349 -20.25 -11.91 5.91
N LYS A 350 -20.46 -13.02 5.20
CA LYS A 350 -21.72 -13.74 5.27
C LYS A 350 -21.96 -14.24 6.70
N GLU A 351 -20.91 -14.84 7.27
CA GLU A 351 -20.92 -15.43 8.60
C GLU A 351 -21.39 -14.43 9.65
N GLN A 352 -20.90 -13.18 9.55
CA GLN A 352 -21.14 -12.17 10.57
C GLN A 352 -22.32 -11.29 10.19
N GLY A 353 -23.01 -11.63 9.10
CA GLY A 353 -24.28 -11.02 8.75
C GLY A 353 -24.15 -9.66 8.07
N PHE A 354 -23.06 -9.43 7.33
CA PHE A 354 -22.91 -8.23 6.54
C PHE A 354 -23.37 -8.49 5.12
N GLY A 355 -24.09 -7.51 4.55
CA GLY A 355 -24.52 -7.58 3.15
C GLY A 355 -23.36 -7.48 2.17
N GLY A 356 -22.30 -6.77 2.58
CA GLY A 356 -21.09 -6.63 1.78
C GLY A 356 -19.99 -5.94 2.57
N VAL A 357 -18.87 -5.67 1.91
CA VAL A 357 -17.74 -5.01 2.54
C VAL A 357 -18.19 -3.65 3.10
N THR A 358 -19.02 -2.95 2.33
CA THR A 358 -19.40 -1.58 2.66
C THR A 358 -20.08 -1.49 4.02
N ASP A 359 -20.84 -2.54 4.39
CA ASP A 359 -21.57 -2.56 5.64
C ASP A 359 -20.64 -2.80 6.82
N ALA A 360 -19.50 -3.45 6.57
CA ALA A 360 -18.57 -3.81 7.64
C ALA A 360 -17.62 -2.65 7.96
N ILE A 361 -17.48 -1.67 7.05
CA ILE A 361 -16.53 -0.58 7.25
C ILE A 361 -16.85 0.16 8.54
N GLY A 362 -15.95 0.07 9.52
CA GLY A 362 -16.07 0.81 10.76
C GLY A 362 -17.08 0.20 11.72
N ALA A 363 -17.48 -1.06 11.48
CA ALA A 363 -18.53 -1.69 12.25
C ALA A 363 -18.16 -1.81 13.74
N ASP A 364 -16.87 -1.92 14.06
CA ASP A 364 -16.43 -2.00 15.44
C ASP A 364 -16.79 -0.73 16.21
N HIS A 365 -16.86 0.42 15.52
CA HIS A 365 -17.08 1.70 16.18
C HIS A 365 -18.56 1.92 16.47
N ARG A 366 -19.41 1.05 15.92
CA ARG A 366 -20.85 1.16 16.08
C ARG A 366 -21.36 0.09 17.04
N ARG A 367 -20.43 -0.66 17.66
CA ARG A 367 -20.76 -1.63 18.71
C ARG A 367 -21.02 -0.89 20.03
S SO4 B . -8.31 15.93 -21.57
O1 SO4 B . -7.52 14.73 -21.76
O2 SO4 B . -7.92 16.56 -20.34
O3 SO4 B . -9.70 15.59 -21.51
O4 SO4 B . -8.07 16.83 -22.67
O1 PG4 C . 4.87 -16.52 12.04
C1 PG4 C . 4.16 -15.87 13.09
C2 PG4 C . 3.02 -15.02 12.61
O2 PG4 C . 2.03 -14.90 13.62
C3 PG4 C . 1.75 -13.56 14.00
C4 PG4 C . 1.40 -13.47 15.46
O3 PG4 C . 2.34 -12.63 16.13
C5 PG4 C . 1.81 -11.39 16.55
C6 PG4 C . 2.85 -10.31 16.43
O4 PG4 C . 2.63 -9.33 17.45
C7 PG4 C . 3.58 -8.27 17.45
C8 PG4 C . 3.10 -7.17 18.36
O5 PG4 C . 3.15 -7.53 19.73
N1 FMN D . 5.65 1.83 1.24
C2 FMN D . 5.67 2.97 0.51
O2 FMN D . 4.84 3.86 0.70
N3 FMN D . 6.62 3.18 -0.45
C4 FMN D . 7.58 2.25 -0.74
O4 FMN D . 8.40 2.48 -1.63
C4A FMN D . 7.58 1.04 0.00
N5 FMN D . 8.51 0.14 -0.24
C5A FMN D . 8.46 -1.03 0.48
C6 FMN D . 9.42 -2.02 0.22
C7 FMN D . 9.40 -3.23 0.87
C7M FMN D . 10.41 -4.28 0.52
C8 FMN D . 8.40 -3.46 1.87
C8M FMN D . 8.35 -4.76 2.64
C9 FMN D . 7.51 -2.48 2.17
C9A FMN D . 7.49 -1.26 1.48
N10 FMN D . 6.56 -0.26 1.72
C10 FMN D . 6.56 0.91 1.00
C1' FMN D . 5.52 -0.45 2.77
C2' FMN D . 4.34 -1.25 2.27
O2' FMN D . 3.63 -0.54 1.26
C3' FMN D . 3.40 -1.54 3.44
O3' FMN D . 2.95 -0.29 3.96
C4' FMN D . 4.03 -2.34 4.60
O4' FMN D . 4.94 -3.30 4.08
C5' FMN D . 2.99 -3.05 5.44
O5' FMN D . 2.27 -4.01 4.65
P FMN D . 2.66 -5.57 4.74
O1P FMN D . 3.93 -5.74 3.96
O2P FMN D . 1.49 -6.31 4.11
O3P FMN D . 2.83 -5.92 6.21
O2 OG6 E . 13.10 1.76 1.84
C10 OG6 E . 12.16 2.17 1.19
C06 OG6 E . 10.84 2.20 1.88
C07 OG6 E . 9.92 3.22 1.72
C09 OG6 E . 8.72 3.21 2.50
O02 OG6 E . 7.81 4.04 2.42
N05 OG6 E . 8.61 2.17 3.39
C08 OG6 E . 9.52 1.16 3.60
O01 OG6 E . 9.34 0.26 4.41
N04 OG6 E . 10.66 1.24 2.84
O1 OG6 E . 12.19 2.50 0.03
C ACT F . -7.23 6.29 -14.86
O ACT F . -7.11 5.42 -15.73
OXT ACT F . -8.32 6.78 -14.52
CH3 ACT F . -5.97 6.78 -14.15
C ACT G . 11.93 15.71 -13.01
O ACT G . 13.06 15.60 -13.53
OXT ACT G . 11.71 16.33 -11.95
CH3 ACT G . 10.74 15.04 -13.71
C ACT H . 10.63 -0.08 -20.49
O ACT H . 11.64 0.32 -19.87
OXT ACT H . 9.53 -0.29 -19.95
CH3 ACT H . 10.76 -0.34 -22.00
S SO4 I . -13.34 22.07 -13.22
O1 SO4 I . -11.99 22.17 -13.69
O2 SO4 I . -13.82 20.72 -13.45
O3 SO4 I . -13.39 22.35 -11.82
O4 SO4 I . -14.17 22.99 -13.93
CL CL J . 19.06 -8.78 19.25
CL CL K . -8.03 23.70 -19.13
S SO4 L . -3.45 6.57 20.14
O1 SO4 L . -3.78 5.90 21.38
O2 SO4 L . -2.03 6.72 20.04
O3 SO4 L . -3.95 5.81 19.03
O4 SO4 L . -4.05 7.88 20.14
O1 PG4 M . 17.81 3.99 -11.86
C1 PG4 M . 18.30 3.32 -10.70
C2 PG4 M . 17.19 2.90 -9.78
O2 PG4 M . 17.50 1.63 -9.19
C3 PG4 M . 16.39 0.75 -9.07
C4 PG4 M . 16.87 -0.67 -8.97
O3 PG4 M . 15.85 -1.55 -9.45
C5 PG4 M . 14.93 -1.92 -8.43
C6 PG4 M . 14.02 -3.02 -8.91
O4 PG4 M . 12.91 -3.20 -8.04
C7 PG4 M . 13.24 -3.32 -6.65
C8 PG4 M . 14.11 -4.53 -6.41
O5 PG4 M . 15.50 -4.22 -6.43
C10 FJW N . 7.91 -12.58 -4.05
C13 FJW N . 6.28 -13.60 -5.22
C17 FJW N . 4.60 -11.44 -5.61
C20 FJW N . 7.69 -15.97 -6.75
C21 FJW N . 6.76 -16.31 -7.73
C22 FJW N . 7.17 -16.37 -9.07
C24 FJW N . 9.42 -15.77 -8.43
C01 FJW N . 9.26 -9.35 -2.83
C05 FJW N . 8.76 -11.55 -3.31
C07 FJW N . 11.19 -8.78 -1.24
C08 FJW N . 11.31 -7.26 -1.26
C14 FJW N . 6.63 -12.34 -4.70
C16 FJW N . 4.30 -12.73 -6.10
C23 FJW N . 8.49 -16.11 -9.43
C25 FJW N . 9.02 -15.70 -7.10
C02 FJW N . 10.30 -9.78 -1.99
C03 FJW N . 10.51 -11.17 -1.89
N04 FJW N . 9.74 -12.01 -2.56
N06 FJW N . 8.51 -10.24 -3.48
C09 FJW N . 10.78 -7.98 -0.01
N11 FJW N . 8.23 -13.85 -4.19
N12 FJW N . 7.27 -14.47 -4.88
N15 FJW N . 5.13 -13.75 -5.90
C18 FJW N . 5.79 -11.23 -4.88
C19 FJW N . 7.27 -15.89 -5.26
F26 FJW N . 9.93 -15.37 -6.13
N27 FJW N . 11.58 -11.72 -1.04
#